data_1JWB
#
_entry.id   1JWB
#
_cell.length_a   77.230
_cell.length_b   77.230
_cell.length_c   100.545
_cell.angle_alpha   90.00
_cell.angle_beta   90.00
_cell.angle_gamma   90.00
#
_symmetry.space_group_name_H-M   'P 41 21 2'
#
loop_
_entity.id
_entity.type
_entity.pdbx_description
1 polymer 'MOLYBDOPTERIN BIOSYNTHESIS MOEB PROTEIN'
2 polymer 'MOLYBDOPTERIN [MPT] CONVERTING FACTOR, SUBUNIT 1'
3 non-polymer 'ZINC ION'
4 non-polymer 'SULFATE ION'
5 non-polymer 'ADENOSINE MONOPHOSPHATE'
6 water water
#
loop_
_entity_poly.entity_id
_entity_poly.type
_entity_poly.pdbx_seq_one_letter_code
_entity_poly.pdbx_strand_id
1 'polypeptide(L)'
;MAELSDQEMLRYNRQIILRGFDFDGQEALKDSRVLIVGLGGLGCAASQYLASAGVGNLTLLDFDTVSLSNLQRQTLHSDA
TVGQPKVESARDALTRINPHIAITPVNALLDDAELAALIAEHDLVLDCTDNVAVRNQLNAGCFAAKVPLVSGAAIRMEGQ
ITVFTYQDGEPCYRCLSRLFGENALTCVEAGVMAPLIGVIGSLQAMEAIKMLAGYGKPASGKIVMYDAMTCQFREMKLMR
NPGCEVCGQ
;
B
2 'polypeptide(L)'
;MIKVLFFAQVRELVGTDATEVAADFPTVEALRQHMAAQSDRWALALEDGKLLAAVNQTLVSFDHPLTDGDEVAFFPPVTG
G
;
D
#
loop_
_chem_comp.id
_chem_comp.type
_chem_comp.name
_chem_comp.formula
AMP non-polymer 'ADENOSINE MONOPHOSPHATE' 'C10 H14 N5 O7 P'
SO4 non-polymer 'SULFATE ION' 'O4 S -2'
ZN non-polymer 'ZINC ION' 'Zn 2'
#
# COMPACT_ATOMS: atom_id res chain seq x y z
N ALA A 2 16.23 -9.11 21.53
CA ALA A 2 15.96 -10.54 21.18
C ALA A 2 17.26 -11.31 21.04
N GLU A 3 17.21 -12.60 21.33
CA GLU A 3 18.34 -13.47 21.00
C GLU A 3 17.88 -14.54 20.02
N LEU A 4 18.75 -14.89 19.10
CA LEU A 4 18.45 -15.87 18.09
C LEU A 4 19.08 -17.16 18.51
N SER A 5 18.38 -18.25 18.30
CA SER A 5 18.98 -19.54 18.52
C SER A 5 19.93 -19.85 17.39
N ASP A 6 20.60 -20.98 17.52
CA ASP A 6 21.53 -21.37 16.51
C ASP A 6 20.77 -21.67 15.24
N GLN A 7 19.61 -22.30 15.38
CA GLN A 7 18.88 -22.71 14.21
C GLN A 7 18.31 -21.49 13.48
N GLU A 8 17.97 -20.49 14.25
CA GLU A 8 17.50 -19.23 13.71
C GLU A 8 18.60 -18.51 12.94
N MET A 9 19.80 -18.44 13.51
CA MET A 9 20.92 -17.77 12.84
C MET A 9 21.24 -18.39 11.50
N LEU A 10 21.13 -19.70 11.42
CA LEU A 10 21.28 -20.38 10.17
C LEU A 10 20.15 -20.06 9.22
N ARG A 11 18.93 -20.15 9.68
CA ARG A 11 17.79 -19.87 8.83
C ARG A 11 17.89 -18.47 8.30
N TYR A 12 18.31 -17.57 9.15
CA TYR A 12 18.27 -16.18 8.71
C TYR A 12 19.60 -15.66 8.25
N ASN A 13 20.49 -16.58 7.97
CA ASN A 13 21.83 -16.15 7.57
C ASN A 13 21.92 -15.10 6.46
N ARG A 14 21.14 -15.26 5.40
CA ARG A 14 21.25 -14.33 4.28
C ARG A 14 20.83 -12.90 4.59
N GLN A 15 20.06 -12.69 5.65
CA GLN A 15 19.72 -11.38 6.05
C GLN A 15 20.78 -10.96 7.01
N ILE A 16 21.19 -11.85 7.90
CA ILE A 16 22.13 -11.46 8.94
C ILE A 16 23.43 -10.94 8.36
N ILE A 17 23.85 -11.50 7.23
CA ILE A 17 25.07 -11.02 6.67
C ILE A 17 24.95 -9.76 5.81
N LEU A 18 23.77 -9.15 5.70
CA LEU A 18 23.65 -7.89 4.99
C LEU A 18 24.22 -6.85 5.91
N ARG A 19 24.96 -5.92 5.30
CA ARG A 19 25.77 -4.94 6.00
C ARG A 19 25.21 -4.25 7.22
N GLY A 20 24.36 -3.30 7.03
CA GLY A 20 23.89 -2.64 8.22
C GLY A 20 22.73 -3.38 8.83
N PHE A 21 22.63 -4.71 8.67
CA PHE A 21 21.48 -5.41 9.18
C PHE A 21 21.97 -6.23 10.33
N ASP A 22 22.68 -7.30 10.06
CA ASP A 22 23.38 -8.00 11.09
C ASP A 22 22.43 -8.68 12.05
N PHE A 23 23.00 -9.24 13.09
CA PHE A 23 22.20 -9.84 14.15
C PHE A 23 21.18 -8.90 14.72
N ASP A 24 21.56 -7.66 14.98
CA ASP A 24 20.66 -6.67 15.55
C ASP A 24 19.40 -6.46 14.75
N GLY A 25 19.58 -6.36 13.44
CA GLY A 25 18.46 -6.22 12.55
C GLY A 25 17.60 -7.48 12.59
N GLN A 26 18.22 -8.66 12.61
CA GLN A 26 17.44 -9.85 12.67
C GLN A 26 16.67 -9.88 13.96
N GLU A 27 17.35 -9.57 15.07
CA GLU A 27 16.77 -9.54 16.40
C GLU A 27 15.65 -8.57 16.44
N ALA A 28 15.83 -7.43 15.82
CA ALA A 28 14.74 -6.45 15.74
C ALA A 28 13.49 -7.06 15.10
N LEU A 29 13.66 -7.73 13.96
CA LEU A 29 12.50 -8.41 13.38
C LEU A 29 11.91 -9.39 14.37
N LYS A 30 12.74 -10.17 15.02
CA LYS A 30 12.24 -11.20 15.93
C LYS A 30 11.39 -10.62 17.05
N ASP A 31 11.76 -9.44 17.50
CA ASP A 31 11.04 -8.72 18.54
C ASP A 31 9.88 -7.87 18.10
N SER A 32 9.64 -7.77 16.81
CA SER A 32 8.54 -6.96 16.33
C SER A 32 7.18 -7.61 16.41
N ARG A 33 6.20 -6.73 16.47
CA ARG A 33 4.82 -7.10 16.50
C ARG A 33 4.24 -6.32 15.39
N VAL A 34 3.83 -7.01 14.36
CA VAL A 34 3.26 -6.33 13.24
C VAL A 34 1.82 -6.76 13.08
N LEU A 35 0.97 -5.80 12.81
CA LEU A 35 -0.42 -6.06 12.53
C LEU A 35 -0.64 -5.95 11.03
N ILE A 36 -1.11 -7.04 10.42
CA ILE A 36 -1.40 -7.09 8.98
C ILE A 36 -2.91 -7.11 8.86
N VAL A 37 -3.49 -6.07 8.28
CA VAL A 37 -4.94 -5.94 8.08
C VAL A 37 -5.29 -6.25 6.63
N GLY A 38 -6.02 -7.37 6.44
CA GLY A 38 -6.34 -7.90 5.13
C GLY A 38 -5.41 -9.07 4.73
N LEU A 39 -5.93 -10.28 4.77
CA LEU A 39 -5.17 -11.44 4.41
C LEU A 39 -5.74 -11.96 3.13
N GLY A 40 -5.91 -11.00 2.23
CA GLY A 40 -6.32 -11.28 0.88
C GLY A 40 -5.05 -11.33 0.06
N GLY A 41 -5.11 -10.75 -1.12
CA GLY A 41 -3.98 -10.74 -2.02
C GLY A 41 -2.75 -10.06 -1.47
N LEU A 42 -2.92 -8.81 -1.07
CA LEU A 42 -1.76 -8.11 -0.50
C LEU A 42 -1.25 -8.80 0.77
N GLY A 43 -2.17 -9.13 1.63
CA GLY A 43 -1.80 -9.75 2.88
C GLY A 43 -1.05 -11.05 2.74
N CYS A 44 -1.50 -11.90 1.84
CA CYS A 44 -0.83 -13.16 1.63
C CYS A 44 0.54 -12.88 1.13
N ALA A 45 0.67 -11.98 0.15
CA ALA A 45 1.97 -11.71 -0.47
C ALA A 45 2.91 -11.11 0.55
N ALA A 46 2.41 -10.22 1.38
CA ALA A 46 3.28 -9.55 2.33
C ALA A 46 3.62 -10.42 3.54
N SER A 47 2.62 -11.14 4.03
CA SER A 47 2.83 -11.86 5.26
C SER A 47 3.77 -12.99 5.01
N GLN A 48 3.75 -13.54 3.80
CA GLN A 48 4.60 -14.65 3.58
C GLN A 48 6.04 -14.28 3.78
N TYR A 49 6.45 -13.11 3.33
CA TYR A 49 7.82 -12.69 3.54
C TYR A 49 8.09 -12.06 4.87
N LEU A 50 7.09 -11.45 5.48
CA LEU A 50 7.32 -10.99 6.82
C LEU A 50 7.61 -12.21 7.64
N ALA A 51 6.81 -13.23 7.44
CA ALA A 51 7.03 -14.48 8.13
C ALA A 51 8.39 -15.10 7.84
N SER A 52 8.68 -15.32 6.56
CA SER A 52 9.93 -15.96 6.21
C SER A 52 11.13 -15.17 6.72
N ALA A 53 11.00 -13.87 6.62
CA ALA A 53 12.05 -12.98 7.05
C ALA A 53 12.29 -13.00 8.55
N GLY A 54 11.31 -13.45 9.34
CA GLY A 54 11.53 -13.61 10.77
C GLY A 54 10.88 -12.59 11.68
N VAL A 55 9.90 -11.85 11.19
CA VAL A 55 9.20 -10.93 12.02
C VAL A 55 8.52 -11.82 13.04
N GLY A 56 8.87 -11.62 14.27
CA GLY A 56 8.52 -12.54 15.34
C GLY A 56 7.07 -12.66 15.74
N ASN A 57 6.28 -11.62 15.56
CA ASN A 57 4.90 -11.67 15.96
C ASN A 57 4.08 -10.96 14.95
N LEU A 58 3.14 -11.70 14.40
CA LEU A 58 2.24 -11.19 13.40
C LEU A 58 0.84 -11.38 13.87
N THR A 59 0.03 -10.36 13.73
CA THR A 59 -1.36 -10.46 14.04
C THR A 59 -2.03 -10.28 12.73
N LEU A 60 -2.90 -11.21 12.40
CA LEU A 60 -3.55 -11.27 11.12
C LEU A 60 -5.01 -10.91 11.39
N LEU A 61 -5.51 -9.91 10.69
CA LEU A 61 -6.83 -9.41 10.91
C LEU A 61 -7.59 -9.33 9.62
N ASP A 62 -8.70 -10.05 9.57
CA ASP A 62 -9.58 -10.10 8.43
C ASP A 62 -10.88 -10.71 8.95
N PHE A 63 -11.98 -10.31 8.34
CA PHE A 63 -13.30 -10.78 8.77
C PHE A 63 -13.82 -11.80 7.78
N ASP A 64 -13.12 -11.96 6.68
CA ASP A 64 -13.66 -12.70 5.57
C ASP A 64 -13.12 -14.13 5.44
N THR A 65 -13.87 -14.92 4.70
CA THR A 65 -13.51 -16.28 4.48
C THR A 65 -12.88 -16.43 3.13
N VAL A 66 -12.19 -17.52 2.95
CA VAL A 66 -11.53 -17.85 1.69
C VAL A 66 -12.57 -18.31 0.66
N SER A 67 -12.48 -17.76 -0.54
CA SER A 67 -13.34 -18.18 -1.62
C SER A 67 -12.45 -18.67 -2.79
N LEU A 68 -13.06 -19.33 -3.76
CA LEU A 68 -12.34 -19.98 -4.85
C LEU A 68 -11.65 -18.96 -5.77
N SER A 69 -12.34 -17.85 -5.96
CA SER A 69 -11.84 -16.75 -6.68
C SER A 69 -10.56 -16.15 -6.08
N ASN A 70 -10.40 -16.22 -4.77
CA ASN A 70 -9.20 -15.73 -4.12
C ASN A 70 -7.95 -16.50 -4.54
N LEU A 71 -8.16 -17.76 -4.94
CA LEU A 71 -7.04 -18.65 -5.14
C LEU A 71 -6.23 -18.31 -6.37
N GLN A 72 -6.76 -17.41 -7.17
CA GLN A 72 -6.05 -16.96 -8.32
C GLN A 72 -4.87 -16.12 -7.85
N ARG A 73 -4.99 -15.50 -6.68
CA ARG A 73 -3.85 -14.70 -6.20
C ARG A 73 -3.46 -14.81 -4.72
N GLN A 74 -4.34 -15.29 -3.86
CA GLN A 74 -4.03 -15.35 -2.45
C GLN A 74 -3.41 -16.70 -2.13
N THR A 75 -2.12 -16.81 -2.38
CA THR A 75 -1.50 -18.10 -2.46
C THR A 75 -1.25 -18.84 -1.16
N LEU A 76 -1.41 -18.15 -0.06
CA LEU A 76 -1.39 -18.86 1.19
C LEU A 76 -2.64 -19.73 1.30
N HIS A 77 -3.74 -19.30 0.70
CA HIS A 77 -4.99 -20.07 0.78
C HIS A 77 -5.04 -21.15 -0.29
N SER A 78 -5.95 -22.10 -0.12
CA SER A 78 -6.05 -23.20 -1.05
C SER A 78 -7.45 -23.72 -1.17
N ASP A 79 -7.64 -24.62 -2.13
CA ASP A 79 -8.96 -25.20 -2.35
C ASP A 79 -9.41 -25.87 -1.11
N ALA A 80 -8.51 -26.54 -0.43
CA ALA A 80 -8.83 -27.18 0.81
C ALA A 80 -9.20 -26.22 1.92
N THR A 81 -8.86 -24.93 1.82
CA THR A 81 -9.25 -23.99 2.87
C THR A 81 -10.40 -23.11 2.48
N VAL A 82 -10.94 -23.33 1.31
CA VAL A 82 -12.13 -22.59 0.92
C VAL A 82 -13.18 -22.75 2.03
N GLY A 83 -13.76 -21.64 2.46
CA GLY A 83 -14.77 -21.62 3.49
C GLY A 83 -14.17 -21.24 4.81
N GLN A 84 -12.86 -21.36 4.98
CA GLN A 84 -12.27 -21.02 6.27
C GLN A 84 -12.02 -19.56 6.31
N PRO A 85 -11.99 -19.02 7.52
CA PRO A 85 -11.62 -17.61 7.74
C PRO A 85 -10.25 -17.34 7.15
N LYS A 86 -10.08 -16.32 6.34
CA LYS A 86 -8.75 -16.08 5.77
C LYS A 86 -7.61 -16.06 6.79
N VAL A 87 -7.87 -15.55 7.98
CA VAL A 87 -6.80 -15.44 8.97
C VAL A 87 -6.36 -16.82 9.43
N GLU A 88 -7.27 -17.77 9.44
CA GLU A 88 -6.92 -19.14 9.84
C GLU A 88 -6.10 -19.90 8.75
N SER A 89 -6.57 -19.81 7.52
CA SER A 89 -5.90 -20.42 6.36
C SER A 89 -4.52 -19.80 6.24
N ALA A 90 -4.43 -18.48 6.41
CA ALA A 90 -3.14 -17.80 6.38
C ALA A 90 -2.24 -18.20 7.51
N ARG A 91 -2.76 -18.25 8.71
CA ARG A 91 -1.96 -18.66 9.84
C ARG A 91 -1.41 -20.06 9.62
N ASP A 92 -2.24 -20.98 9.15
CA ASP A 92 -1.73 -22.32 8.93
C ASP A 92 -0.65 -22.27 7.89
N ALA A 93 -0.83 -21.57 6.80
CA ALA A 93 0.24 -21.54 5.83
C ALA A 93 1.48 -20.85 6.41
N LEU A 94 1.26 -19.77 7.16
CA LEU A 94 2.38 -18.98 7.63
C LEU A 94 3.25 -19.73 8.63
N THR A 95 2.61 -20.47 9.52
CA THR A 95 3.34 -21.26 10.48
C THR A 95 4.23 -22.28 9.80
N ARG A 96 3.85 -22.78 8.63
CA ARG A 96 4.75 -23.66 7.88
C ARG A 96 5.91 -22.89 7.21
N ILE A 97 5.66 -21.70 6.75
CA ILE A 97 6.74 -20.89 6.21
C ILE A 97 7.75 -20.62 7.27
N ASN A 98 7.31 -20.34 8.50
CA ASN A 98 8.24 -20.11 9.60
C ASN A 98 7.59 -20.47 10.93
N PRO A 99 8.01 -21.61 11.48
CA PRO A 99 7.46 -22.12 12.74
C PRO A 99 8.07 -21.46 13.96
N HIS A 100 8.98 -20.51 13.79
CA HIS A 100 9.57 -19.80 14.89
C HIS A 100 8.78 -18.58 15.25
N ILE A 101 7.81 -18.22 14.45
CA ILE A 101 7.14 -16.96 14.75
C ILE A 101 5.79 -17.16 15.42
N ALA A 102 5.37 -16.17 16.17
CA ALA A 102 4.06 -16.28 16.79
C ALA A 102 3.07 -15.55 15.92
N ILE A 103 1.97 -16.22 15.64
CA ILE A 103 0.96 -15.71 14.74
C ILE A 103 -0.38 -15.74 15.37
N THR A 104 -1.02 -14.58 15.38
CA THR A 104 -2.28 -14.44 16.05
C THR A 104 -3.31 -14.03 15.04
N PRO A 105 -4.22 -14.94 14.73
CA PRO A 105 -5.29 -14.66 13.82
C PRO A 105 -6.48 -14.04 14.53
N VAL A 106 -7.04 -12.99 13.95
CA VAL A 106 -8.20 -12.34 14.47
C VAL A 106 -9.20 -12.27 13.36
N ASN A 107 -10.21 -13.09 13.46
CA ASN A 107 -11.25 -13.14 12.47
C ASN A 107 -12.37 -12.22 12.89
N ALA A 108 -12.27 -10.97 12.57
CA ALA A 108 -13.29 -10.07 13.02
C ALA A 108 -13.25 -8.87 12.17
N LEU A 109 -14.31 -8.08 12.27
CA LEU A 109 -14.35 -6.78 11.68
C LEU A 109 -14.34 -5.87 12.88
N LEU A 110 -13.25 -5.13 13.09
CA LEU A 110 -13.14 -4.35 14.30
C LEU A 110 -13.70 -2.97 14.17
N ASP A 111 -14.09 -2.40 15.30
CA ASP A 111 -14.46 -0.99 15.30
C ASP A 111 -13.24 -0.12 15.65
N ASP A 112 -13.45 1.19 15.61
CA ASP A 112 -12.39 2.13 15.91
C ASP A 112 -11.89 1.97 17.34
N ALA A 113 -12.76 1.75 18.27
CA ALA A 113 -12.22 1.60 19.60
C ALA A 113 -11.31 0.36 19.60
N GLU A 114 -11.75 -0.69 18.93
CA GLU A 114 -10.98 -1.92 18.95
C GLU A 114 -9.64 -1.76 18.19
N LEU A 115 -9.66 -1.11 17.03
CA LEU A 115 -8.43 -0.85 16.27
C LEU A 115 -7.46 -0.01 17.03
N ALA A 116 -7.97 0.92 17.83
CA ALA A 116 -7.10 1.79 18.58
C ALA A 116 -6.31 0.94 19.50
N ALA A 117 -6.98 0.04 20.21
CA ALA A 117 -6.22 -0.78 21.16
C ALA A 117 -5.23 -1.62 20.40
N LEU A 118 -5.75 -2.23 19.35
CA LEU A 118 -4.97 -3.19 18.56
C LEU A 118 -3.79 -2.54 17.89
N ILE A 119 -4.02 -1.42 17.21
CA ILE A 119 -2.91 -0.67 16.62
C ILE A 119 -1.84 -0.28 17.64
N ALA A 120 -2.26 0.26 18.78
CA ALA A 120 -1.31 0.60 19.80
C ALA A 120 -0.46 -0.53 20.26
N GLU A 121 -0.97 -1.74 20.18
CA GLU A 121 -0.23 -2.89 20.66
C GLU A 121 0.81 -3.41 19.66
N HIS A 122 0.98 -2.76 18.52
CA HIS A 122 1.96 -3.26 17.57
C HIS A 122 2.98 -2.22 17.29
N ASP A 123 4.05 -2.63 16.67
CA ASP A 123 5.09 -1.72 16.28
C ASP A 123 4.82 -1.12 14.92
N LEU A 124 4.05 -1.84 14.11
CA LEU A 124 3.85 -1.43 12.74
C LEU A 124 2.60 -2.09 12.20
N VAL A 125 1.90 -1.39 11.31
CA VAL A 125 0.70 -1.94 10.75
C VAL A 125 0.87 -2.02 9.26
N LEU A 126 0.44 -3.11 8.64
CA LEU A 126 0.38 -3.13 7.19
C LEU A 126 -1.05 -3.01 6.83
N ASP A 127 -1.35 -2.08 5.92
CA ASP A 127 -2.69 -1.97 5.44
C ASP A 127 -2.76 -2.78 4.15
N CYS A 128 -3.45 -3.90 4.19
CA CYS A 128 -3.60 -4.72 3.01
C CYS A 128 -5.07 -4.93 2.73
N THR A 129 -5.86 -3.90 2.91
CA THR A 129 -7.28 -3.95 2.75
C THR A 129 -7.71 -3.57 1.33
N ASP A 130 -9.01 -3.42 1.12
CA ASP A 130 -9.49 -3.16 -0.21
C ASP A 130 -10.55 -2.12 -0.25
N ASN A 131 -10.55 -1.21 0.69
CA ASN A 131 -11.57 -0.17 0.74
C ASN A 131 -11.06 1.01 1.56
N VAL A 132 -11.42 2.19 1.13
CA VAL A 132 -10.91 3.37 1.75
C VAL A 132 -11.44 3.53 3.18
N ALA A 133 -12.59 2.98 3.50
CA ALA A 133 -13.10 3.18 4.86
C ALA A 133 -12.14 2.61 5.86
N VAL A 134 -11.73 1.37 5.66
CA VAL A 134 -10.86 0.78 6.67
C VAL A 134 -9.47 1.42 6.54
N ARG A 135 -9.06 1.77 5.33
CA ARG A 135 -7.75 2.41 5.20
C ARG A 135 -7.70 3.68 6.03
N ASN A 136 -8.77 4.49 5.95
CA ASN A 136 -8.82 5.72 6.73
C ASN A 136 -8.87 5.42 8.22
N GLN A 137 -9.62 4.40 8.59
CA GLN A 137 -9.64 4.00 9.98
C GLN A 137 -8.24 3.64 10.44
N LEU A 138 -7.55 2.85 9.64
CA LEU A 138 -6.22 2.47 10.04
C LEU A 138 -5.32 3.70 10.13
N ASN A 139 -5.47 4.62 9.20
CA ASN A 139 -4.61 5.77 9.21
C ASN A 139 -4.86 6.62 10.43
N ALA A 140 -6.12 6.64 10.84
CA ALA A 140 -6.53 7.46 11.98
C ALA A 140 -5.93 6.91 13.24
N GLY A 141 -6.02 5.60 13.40
CA GLY A 141 -5.48 4.98 14.59
C GLY A 141 -3.97 5.04 14.61
N CYS A 142 -3.34 4.89 13.45
CA CYS A 142 -1.90 4.95 13.36
C CYS A 142 -1.32 6.33 13.66
N PHE A 143 -1.99 7.34 13.13
CA PHE A 143 -1.66 8.73 13.38
C PHE A 143 -1.73 9.02 14.88
N ALA A 144 -2.85 8.64 15.47
CA ALA A 144 -3.08 8.88 16.89
C ALA A 144 -2.00 8.27 17.73
N ALA A 145 -1.66 7.02 17.44
CA ALA A 145 -0.70 6.31 18.25
C ALA A 145 0.71 6.42 17.75
N LYS A 146 0.91 7.07 16.64
CA LYS A 146 2.24 7.19 16.01
C LYS A 146 2.86 5.83 15.68
N VAL A 147 2.06 4.94 15.14
CA VAL A 147 2.52 3.62 14.77
C VAL A 147 2.55 3.66 13.27
N PRO A 148 3.73 3.45 12.73
CA PRO A 148 3.92 3.50 11.27
C PRO A 148 2.98 2.55 10.53
N LEU A 149 2.52 3.02 9.39
CA LEU A 149 1.57 2.30 8.59
C LEU A 149 2.17 2.06 7.20
N VAL A 150 2.21 0.82 6.74
CA VAL A 150 2.75 0.53 5.42
C VAL A 150 1.55 0.12 4.63
N SER A 151 1.22 1.00 3.69
CA SER A 151 0.01 1.03 2.96
C SER A 151 0.24 0.58 1.55
N GLY A 152 -0.48 -0.46 1.18
CA GLY A 152 -0.38 -0.98 -0.14
C GLY A 152 -1.73 -1.05 -0.79
N ALA A 153 -1.76 -0.86 -2.11
CA ALA A 153 -2.97 -1.02 -2.80
C ALA A 153 -2.69 -1.60 -4.16
N ALA A 154 -3.66 -2.33 -4.67
CA ALA A 154 -3.53 -2.96 -5.98
C ALA A 154 -4.87 -3.21 -6.52
N ILE A 155 -5.04 -2.95 -7.81
CA ILE A 155 -6.23 -3.36 -8.54
C ILE A 155 -5.75 -3.42 -9.99
N ARG A 156 -6.42 -4.17 -10.82
CA ARG A 156 -6.08 -4.20 -12.23
C ARG A 156 -4.62 -4.46 -12.51
N MET A 157 -3.91 -3.43 -12.99
CA MET A 157 -2.50 -3.57 -13.31
C MET A 157 -1.79 -2.41 -12.73
N GLU A 158 -2.31 -1.95 -11.62
CA GLU A 158 -1.76 -0.78 -10.98
C GLU A 158 -1.59 -1.05 -9.51
N GLY A 159 -0.41 -0.78 -9.01
CA GLY A 159 -0.18 -0.89 -7.60
C GLY A 159 0.45 0.35 -7.01
N GLN A 160 0.35 0.47 -5.71
CA GLN A 160 0.90 1.62 -5.05
C GLN A 160 1.28 1.27 -3.68
N ILE A 161 2.33 1.93 -3.25
CA ILE A 161 2.76 1.86 -1.90
C ILE A 161 3.20 3.20 -1.29
N THR A 162 2.84 3.37 -0.02
CA THR A 162 3.33 4.47 0.79
C THR A 162 3.58 4.01 2.20
N VAL A 163 4.63 4.55 2.79
CA VAL A 163 4.87 4.36 4.18
C VAL A 163 4.50 5.66 4.91
N PHE A 164 3.61 5.55 5.87
CA PHE A 164 3.34 6.67 6.76
C PHE A 164 4.02 6.44 8.11
N THR A 165 5.00 7.29 8.42
CA THR A 165 5.72 7.19 9.68
C THR A 165 5.20 8.17 10.68
N TYR A 166 4.26 9.00 10.25
CA TYR A 166 3.62 10.00 11.08
C TYR A 166 4.54 10.93 11.83
N GLN A 167 5.63 11.37 11.19
CA GLN A 167 6.48 12.39 11.78
C GLN A 167 5.87 13.79 11.64
N ASP A 168 6.48 14.76 12.31
CA ASP A 168 6.00 16.13 12.18
C ASP A 168 6.20 16.50 10.72
N GLY A 169 5.19 17.07 10.09
CA GLY A 169 5.36 17.54 8.72
C GLY A 169 5.13 16.53 7.62
N GLU A 170 4.92 15.28 8.02
CA GLU A 170 4.68 14.24 7.06
C GLU A 170 3.21 14.11 6.81
N PRO A 171 2.85 13.85 5.57
CA PRO A 171 1.43 13.72 5.26
C PRO A 171 0.95 12.40 5.81
N CYS A 172 -0.34 12.30 5.97
CA CYS A 172 -0.92 11.10 6.46
C CYS A 172 -1.69 10.50 5.26
N TYR A 173 -2.41 9.41 5.47
CA TYR A 173 -3.11 8.78 4.35
C TYR A 173 -4.32 9.56 3.84
N ARG A 174 -4.98 10.28 4.75
CA ARG A 174 -6.09 11.16 4.39
C ARG A 174 -5.57 12.33 3.54
N CYS A 175 -4.34 12.72 3.78
CA CYS A 175 -3.76 13.73 2.93
C CYS A 175 -3.93 13.29 1.49
N LEU A 176 -3.83 11.98 1.30
CA LEU A 176 -4.00 11.35 -0.02
C LEU A 176 -5.43 11.04 -0.32
N SER A 177 -6.14 10.42 0.61
CA SER A 177 -7.47 9.93 0.26
C SER A 177 -8.46 11.04 0.06
N ARG A 178 -8.14 12.23 0.60
CA ARG A 178 -9.02 13.38 0.38
C ARG A 178 -8.96 13.80 -1.10
N LEU A 179 -7.97 13.32 -1.84
CA LEU A 179 -7.81 13.73 -3.21
C LEU A 179 -8.65 12.86 -4.11
N PHE A 180 -9.54 12.08 -3.54
CA PHE A 180 -10.41 11.30 -4.37
C PHE A 180 -11.63 10.83 -3.61
N GLY A 181 -12.62 10.37 -4.37
CA GLY A 181 -13.88 9.90 -3.81
C GLY A 181 -13.74 8.99 -2.61
N GLU A 189 -15.30 -7.17 -9.37
CA GLU A 189 -15.76 -5.84 -9.77
C GLU A 189 -14.77 -5.36 -10.83
N ALA A 190 -13.67 -4.77 -10.39
CA ALA A 190 -12.52 -4.56 -11.21
C ALA A 190 -11.69 -5.85 -11.07
N GLY A 191 -10.99 -6.22 -12.11
CA GLY A 191 -10.10 -7.34 -12.03
C GLY A 191 -8.82 -7.01 -11.29
N VAL A 192 -7.96 -8.01 -11.15
CA VAL A 192 -6.62 -7.79 -10.62
C VAL A 192 -5.71 -8.92 -11.12
N MET A 193 -4.55 -8.57 -11.67
CA MET A 193 -3.65 -9.59 -12.14
C MET A 193 -2.85 -10.18 -11.01
N ALA A 194 -2.77 -11.49 -10.99
CA ALA A 194 -2.20 -12.13 -9.83
C ALA A 194 -0.86 -11.58 -9.32
N PRO A 195 0.17 -11.61 -10.11
CA PRO A 195 1.47 -11.15 -9.66
C PRO A 195 1.49 -9.71 -9.20
N LEU A 196 0.54 -8.87 -9.54
CA LEU A 196 0.58 -7.51 -9.11
C LEU A 196 0.67 -7.50 -7.57
N ILE A 197 -0.12 -8.35 -6.96
CA ILE A 197 -0.20 -8.43 -5.51
C ILE A 197 1.11 -8.86 -4.94
N GLY A 198 1.82 -9.68 -5.67
CA GLY A 198 3.11 -10.13 -5.27
C GLY A 198 4.06 -8.97 -5.21
N VAL A 199 4.05 -8.16 -6.25
CA VAL A 199 4.96 -7.03 -6.28
C VAL A 199 4.66 -6.11 -5.12
N ILE A 200 3.43 -5.64 -5.01
CA ILE A 200 3.15 -4.66 -4.01
C ILE A 200 3.24 -5.23 -2.59
N GLY A 201 2.78 -6.47 -2.42
CA GLY A 201 2.83 -7.12 -1.10
C GLY A 201 4.27 -7.30 -0.64
N SER A 202 5.13 -7.66 -1.58
CA SER A 202 6.52 -7.85 -1.24
C SER A 202 7.16 -6.51 -0.92
N LEU A 203 6.77 -5.46 -1.63
CA LEU A 203 7.27 -4.13 -1.35
C LEU A 203 6.80 -3.74 0.05
N GLN A 204 5.56 -4.04 0.41
CA GLN A 204 5.10 -3.78 1.76
C GLN A 204 5.98 -4.53 2.74
N ALA A 205 6.22 -5.81 2.50
CA ALA A 205 7.06 -6.54 3.43
C ALA A 205 8.41 -5.85 3.59
N MET A 206 8.98 -5.41 2.44
CA MET A 206 10.28 -4.81 2.44
C MET A 206 10.32 -3.53 3.29
N GLU A 207 9.38 -2.63 3.07
CA GLU A 207 9.34 -1.36 3.74
C GLU A 207 9.09 -1.61 5.25
N ALA A 208 8.22 -2.58 5.53
CA ALA A 208 7.95 -2.96 6.91
C ALA A 208 9.28 -3.37 7.60
N ILE A 209 9.98 -4.34 7.03
CA ILE A 209 11.25 -4.77 7.59
C ILE A 209 12.23 -3.61 7.76
N LYS A 210 12.35 -2.79 6.73
CA LYS A 210 13.20 -1.64 6.78
C LYS A 210 12.81 -0.76 7.97
N MET A 211 11.53 -0.45 8.11
CA MET A 211 11.09 0.35 9.25
C MET A 211 11.45 -0.34 10.58
N LEU A 212 11.09 -1.61 10.71
CA LEU A 212 11.24 -2.31 11.98
C LEU A 212 12.65 -2.38 12.36
N ALA A 213 13.51 -2.45 11.36
CA ALA A 213 14.91 -2.58 11.72
C ALA A 213 15.67 -1.31 11.53
N GLY A 214 15.01 -0.23 11.24
CA GLY A 214 15.74 0.99 10.96
C GLY A 214 16.77 0.83 9.86
N TYR A 215 16.44 0.05 8.83
CA TYR A 215 17.37 -0.22 7.75
C TYR A 215 16.97 0.50 6.44
N GLY A 216 17.88 1.30 5.86
CA GLY A 216 17.64 2.03 4.64
C GLY A 216 16.64 3.15 4.86
N LYS A 217 16.01 3.63 3.80
CA LYS A 217 15.11 4.75 3.89
C LYS A 217 13.70 4.40 3.48
N PRO A 218 12.72 4.71 4.33
CA PRO A 218 11.35 4.30 3.99
C PRO A 218 10.77 5.11 2.87
N ALA A 219 9.78 4.53 2.22
CA ALA A 219 9.11 5.21 1.14
C ALA A 219 8.00 6.12 1.67
N SER A 220 8.39 7.01 2.57
CA SER A 220 7.45 7.95 3.16
C SER A 220 7.48 9.22 2.35
N GLY A 221 6.40 10.00 2.38
CA GLY A 221 6.35 11.25 1.63
C GLY A 221 6.19 11.11 0.11
N LYS A 222 5.88 9.90 -0.33
CA LYS A 222 5.68 9.64 -1.73
C LYS A 222 4.72 8.47 -1.91
N ILE A 223 4.13 8.40 -3.11
CA ILE A 223 3.37 7.24 -3.56
C ILE A 223 4.31 6.62 -4.56
N VAL A 224 4.61 5.34 -4.39
CA VAL A 224 5.36 4.60 -5.39
C VAL A 224 4.25 3.93 -6.15
N MET A 225 4.20 4.18 -7.44
CA MET A 225 3.13 3.68 -8.30
C MET A 225 3.79 2.79 -9.32
N TYR A 226 3.22 1.61 -9.48
CA TYR A 226 3.76 0.60 -10.37
C TYR A 226 2.69 0.37 -11.39
N ASP A 227 3.09 0.61 -12.62
CA ASP A 227 2.22 0.42 -13.77
C ASP A 227 2.66 -0.85 -14.43
N ALA A 228 1.97 -1.95 -14.12
CA ALA A 228 2.44 -3.25 -14.58
C ALA A 228 2.28 -3.38 -16.07
N MET A 229 1.32 -2.66 -16.61
CA MET A 229 1.06 -2.78 -18.00
C MET A 229 2.25 -2.39 -18.74
N THR A 230 2.95 -1.33 -18.30
CA THR A 230 4.15 -0.94 -18.99
C THR A 230 5.41 -1.22 -18.21
N CYS A 231 5.32 -1.96 -17.11
CA CYS A 231 6.42 -2.08 -16.23
C CYS A 231 7.17 -0.77 -15.92
N GLN A 232 6.48 0.29 -15.54
CA GLN A 232 7.09 1.54 -15.15
C GLN A 232 6.77 1.80 -13.66
N PHE A 233 7.54 2.66 -13.04
CA PHE A 233 7.42 2.93 -11.65
C PHE A 233 7.58 4.40 -11.61
N ARG A 234 6.61 5.06 -11.02
CA ARG A 234 6.64 6.48 -10.84
C ARG A 234 6.50 6.73 -9.32
N GLU A 235 7.30 7.68 -8.84
CA GLU A 235 7.21 8.08 -7.47
C GLU A 235 6.78 9.51 -7.44
N MET A 236 5.56 9.78 -7.00
CA MET A 236 4.99 11.10 -6.88
C MET A 236 5.12 11.49 -5.43
N LYS A 237 5.58 12.69 -5.18
CA LYS A 237 5.74 13.17 -3.82
C LYS A 237 4.40 13.49 -3.21
N LEU A 238 4.26 13.15 -1.95
CA LEU A 238 3.02 13.41 -1.24
C LEU A 238 3.28 14.46 -0.20
N MET A 239 2.55 15.57 -0.32
CA MET A 239 2.64 16.65 0.64
C MET A 239 1.49 16.66 1.63
N ARG A 240 1.76 17.17 2.81
CA ARG A 240 0.75 17.29 3.84
C ARG A 240 -0.28 18.33 3.44
N ASN A 241 -1.56 18.00 3.57
CA ASN A 241 -2.62 18.97 3.30
C ASN A 241 -2.99 19.73 4.57
N PRO A 242 -2.67 21.02 4.56
CA PRO A 242 -2.94 21.94 5.66
C PRO A 242 -4.18 21.64 6.46
N GLY A 243 -5.28 21.41 5.76
CA GLY A 243 -6.55 21.13 6.41
C GLY A 243 -6.97 19.66 6.34
N CYS A 244 -5.99 18.76 6.24
CA CYS A 244 -6.27 17.35 6.30
C CYS A 244 -7.05 17.25 7.57
N GLU A 245 -8.19 16.57 7.50
CA GLU A 245 -9.06 16.34 8.66
C GLU A 245 -8.30 15.61 9.78
N VAL A 246 -7.49 14.62 9.40
CA VAL A 246 -6.76 13.89 10.41
C VAL A 246 -5.47 14.60 10.85
N CYS A 247 -4.60 14.95 9.91
CA CYS A 247 -3.32 15.51 10.33
C CYS A 247 -3.24 17.02 10.18
N GLY A 248 -4.33 17.66 9.75
CA GLY A 248 -4.32 19.09 9.50
C GLY A 248 -4.36 19.94 10.77
N ILE B 2 2.91 21.67 -22.35
CA ILE B 2 2.57 20.87 -21.13
C ILE B 2 2.57 19.38 -21.36
N LYS B 3 3.62 18.74 -20.91
CA LYS B 3 3.60 17.30 -20.83
C LYS B 3 2.44 16.95 -19.84
N VAL B 4 1.31 16.42 -20.34
CA VAL B 4 0.33 15.83 -19.46
C VAL B 4 0.57 14.38 -19.71
N LEU B 5 0.88 13.62 -18.68
CA LEU B 5 1.11 12.19 -18.86
C LEU B 5 -0.09 11.44 -18.31
N PHE B 6 -0.32 10.25 -18.82
CA PHE B 6 -1.43 9.44 -18.36
C PHE B 6 -0.83 8.11 -17.98
N PHE B 7 -1.25 7.59 -16.83
CA PHE B 7 -0.69 6.34 -16.38
C PHE B 7 -1.78 5.32 -16.12
N ALA B 8 -1.36 4.05 -16.22
CA ALA B 8 -2.16 2.88 -15.95
C ALA B 8 -3.50 2.94 -16.61
N GLN B 9 -4.55 2.71 -15.85
CA GLN B 9 -5.82 2.68 -16.51
C GLN B 9 -6.16 3.98 -17.29
N VAL B 10 -5.74 5.16 -16.81
CA VAL B 10 -6.05 6.39 -17.52
C VAL B 10 -5.52 6.21 -18.95
N ARG B 11 -4.24 5.87 -19.07
CA ARG B 11 -3.57 5.69 -20.35
C ARG B 11 -4.26 4.67 -21.21
N GLU B 12 -4.55 3.53 -20.61
CA GLU B 12 -5.19 2.48 -21.34
C GLU B 12 -6.54 2.95 -21.90
N LEU B 13 -7.31 3.69 -21.13
CA LEU B 13 -8.60 4.18 -21.58
C LEU B 13 -8.51 5.26 -22.71
N VAL B 14 -7.56 6.17 -22.62
CA VAL B 14 -7.49 7.28 -23.56
C VAL B 14 -6.56 6.99 -24.71
N GLY B 15 -5.79 5.92 -24.60
CA GLY B 15 -4.95 5.46 -25.69
C GLY B 15 -3.70 6.29 -25.97
N THR B 16 -3.29 7.07 -25.03
CA THR B 16 -2.05 7.78 -25.24
C THR B 16 -1.32 7.90 -23.91
N ASP B 17 0.00 7.79 -23.95
CA ASP B 17 0.80 7.86 -22.72
C ASP B 17 1.04 9.30 -22.37
N ALA B 18 0.86 10.15 -23.36
CA ALA B 18 1.13 11.56 -23.20
C ALA B 18 0.66 12.39 -24.38
N THR B 19 0.32 13.63 -24.07
CA THR B 19 0.00 14.51 -25.14
C THR B 19 0.59 15.84 -24.84
N GLU B 20 1.62 16.16 -25.60
CA GLU B 20 2.23 17.48 -25.52
C GLU B 20 1.12 18.43 -25.89
N VAL B 21 0.68 19.23 -24.93
CA VAL B 21 -0.37 20.18 -25.22
C VAL B 21 0.20 21.57 -25.07
N ALA B 22 -0.63 22.54 -25.41
CA ALA B 22 -0.22 23.89 -25.18
C ALA B 22 -0.65 24.32 -23.75
N ALA B 23 0.16 25.25 -23.26
CA ALA B 23 0.12 25.79 -21.91
C ALA B 23 -1.09 26.70 -21.65
N ASP B 24 -2.24 26.35 -22.21
CA ASP B 24 -3.39 27.22 -22.16
C ASP B 24 -4.26 26.94 -20.99
N PHE B 25 -3.73 26.16 -20.05
CA PHE B 25 -4.54 25.80 -18.90
C PHE B 25 -4.02 26.40 -17.61
N PRO B 26 -4.94 26.83 -16.76
CA PRO B 26 -4.56 27.55 -15.56
C PRO B 26 -4.04 26.60 -14.50
N THR B 27 -4.77 25.49 -14.41
CA THR B 27 -4.68 24.61 -13.25
C THR B 27 -4.72 23.18 -13.64
N VAL B 28 -5.19 22.41 -12.66
CA VAL B 28 -5.50 21.02 -12.85
C VAL B 28 -7.00 20.78 -13.00
N GLU B 29 -7.86 21.34 -12.20
CA GLU B 29 -9.27 21.01 -12.44
C GLU B 29 -9.81 21.66 -13.70
N ALA B 30 -9.01 22.53 -14.35
CA ALA B 30 -9.44 23.17 -15.56
C ALA B 30 -9.09 22.24 -16.67
N LEU B 31 -7.87 21.72 -16.62
CA LEU B 31 -7.40 20.73 -17.57
C LEU B 31 -8.36 19.53 -17.57
N ARG B 32 -8.51 18.91 -16.43
CA ARG B 32 -9.29 17.70 -16.36
C ARG B 32 -10.62 17.83 -17.09
N GLN B 33 -11.29 18.93 -16.81
CA GLN B 33 -12.58 19.22 -17.38
C GLN B 33 -12.47 19.21 -18.89
N HIS B 34 -11.49 19.96 -19.34
CA HIS B 34 -11.30 20.09 -20.73
C HIS B 34 -11.14 18.70 -21.29
N MET B 35 -10.07 18.02 -20.89
CA MET B 35 -9.76 16.72 -21.46
C MET B 35 -10.92 15.73 -21.31
N ALA B 36 -11.66 15.78 -20.22
CA ALA B 36 -12.80 14.87 -20.05
C ALA B 36 -13.89 15.05 -21.11
N ALA B 37 -14.03 16.28 -21.58
CA ALA B 37 -15.09 16.59 -22.53
C ALA B 37 -14.76 16.04 -23.91
N GLN B 38 -13.54 15.58 -24.15
CA GLN B 38 -13.20 15.10 -25.49
C GLN B 38 -13.95 13.88 -25.95
N SER B 39 -14.39 13.03 -25.01
CA SER B 39 -15.08 11.78 -25.31
C SER B 39 -15.50 11.06 -24.00
N ASP B 40 -16.45 10.13 -24.11
CA ASP B 40 -16.89 9.40 -22.94
C ASP B 40 -15.70 8.63 -22.39
N ARG B 41 -14.85 8.15 -23.30
CA ARG B 41 -13.71 7.37 -22.88
C ARG B 41 -12.91 8.29 -21.98
N TRP B 42 -12.67 9.48 -22.49
CA TRP B 42 -12.01 10.53 -21.73
C TRP B 42 -12.69 10.87 -20.42
N ALA B 43 -14.00 10.99 -20.45
CA ALA B 43 -14.67 11.33 -19.25
C ALA B 43 -14.53 10.25 -18.20
N LEU B 44 -14.67 9.01 -18.60
CA LEU B 44 -14.54 7.94 -17.64
C LEU B 44 -13.10 7.97 -17.09
N ALA B 45 -12.13 8.01 -17.99
CA ALA B 45 -10.75 7.94 -17.56
C ALA B 45 -10.42 9.04 -16.59
N LEU B 46 -10.85 10.25 -16.90
CA LEU B 46 -10.49 11.39 -16.07
C LEU B 46 -11.61 11.79 -15.16
N GLU B 47 -12.54 10.88 -14.95
CA GLU B 47 -13.66 11.10 -14.06
C GLU B 47 -13.26 11.60 -12.68
N ASP B 48 -13.84 12.72 -12.28
CA ASP B 48 -13.55 13.28 -10.98
C ASP B 48 -13.90 12.24 -9.94
N GLY B 49 -13.06 12.17 -8.91
CA GLY B 49 -13.26 11.23 -7.82
C GLY B 49 -12.42 9.99 -8.08
N LYS B 50 -12.38 9.53 -9.33
CA LYS B 50 -11.66 8.32 -9.70
C LYS B 50 -10.32 8.69 -10.35
N LEU B 51 -9.69 9.75 -9.84
CA LEU B 51 -8.50 10.27 -10.45
C LEU B 51 -7.54 10.98 -9.51
N LEU B 52 -6.28 10.92 -9.85
CA LEU B 52 -5.32 11.58 -9.04
C LEU B 52 -4.50 12.39 -9.98
N ALA B 53 -3.94 13.47 -9.48
CA ALA B 53 -3.14 14.35 -10.30
C ALA B 53 -1.89 14.75 -9.59
N ALA B 54 -0.78 14.71 -10.30
CA ALA B 54 0.46 15.23 -9.81
C ALA B 54 0.90 16.42 -10.71
N VAL B 55 1.45 17.49 -10.12
CA VAL B 55 2.05 18.55 -10.96
C VAL B 55 3.49 18.50 -10.63
N ASN B 56 4.29 18.32 -11.67
CA ASN B 56 5.72 18.25 -11.57
C ASN B 56 6.25 17.30 -10.54
N GLN B 57 5.79 16.04 -10.62
CA GLN B 57 6.29 14.94 -9.78
C GLN B 57 5.78 15.00 -8.29
N THR B 58 4.85 15.90 -8.04
CA THR B 58 4.29 16.09 -6.72
C THR B 58 2.79 16.06 -6.85
N LEU B 59 2.12 15.31 -5.98
CA LEU B 59 0.66 15.15 -6.05
C LEU B 59 -0.13 16.32 -5.55
N VAL B 60 -1.14 16.75 -6.30
CA VAL B 60 -1.85 17.96 -5.94
C VAL B 60 -3.33 17.81 -6.02
N SER B 61 -4.05 18.78 -5.43
CA SER B 61 -5.50 18.73 -5.48
C SER B 61 -5.94 19.31 -6.83
N PHE B 62 -7.20 19.16 -7.15
CA PHE B 62 -7.61 19.63 -8.44
C PHE B 62 -7.56 21.15 -8.65
N ASP B 63 -6.84 21.84 -7.76
CA ASP B 63 -6.74 23.30 -7.83
C ASP B 63 -5.30 23.79 -8.01
N HIS B 64 -4.32 22.94 -7.85
CA HIS B 64 -2.99 23.43 -8.11
C HIS B 64 -3.06 24.07 -9.51
N PRO B 65 -2.18 25.03 -9.81
CA PRO B 65 -2.11 25.67 -11.12
C PRO B 65 -0.90 25.25 -11.96
N LEU B 66 -1.01 25.45 -13.28
CA LEU B 66 0.06 25.03 -14.17
C LEU B 66 0.66 26.16 -15.01
N THR B 67 1.74 25.82 -15.71
CA THR B 67 2.52 26.74 -16.49
C THR B 67 3.40 25.96 -17.50
N ASP B 68 3.76 26.63 -18.59
CA ASP B 68 4.63 26.05 -19.61
C ASP B 68 5.84 25.48 -18.90
N GLY B 69 6.17 24.23 -19.23
CA GLY B 69 7.24 23.54 -18.55
C GLY B 69 6.61 22.69 -17.43
N ASP B 70 5.30 22.83 -17.20
CA ASP B 70 4.63 21.97 -16.22
C ASP B 70 4.29 20.60 -16.82
N GLU B 71 4.71 19.55 -16.13
CA GLU B 71 4.36 18.17 -16.44
C GLU B 71 3.16 17.86 -15.55
N VAL B 72 2.10 17.32 -16.13
CA VAL B 72 0.93 16.98 -15.36
C VAL B 72 0.62 15.55 -15.62
N ALA B 73 0.41 14.81 -14.54
CA ALA B 73 0.14 13.39 -14.64
C ALA B 73 -1.18 13.03 -14.02
N PHE B 74 -1.94 12.33 -14.83
CA PHE B 74 -3.25 11.85 -14.45
C PHE B 74 -3.17 10.35 -14.29
N PHE B 75 -3.66 9.84 -13.18
CA PHE B 75 -3.62 8.41 -13.02
C PHE B 75 -4.56 8.05 -11.92
N PRO B 76 -4.93 6.78 -11.86
CA PRO B 76 -5.92 6.36 -10.91
C PRO B 76 -5.33 6.17 -9.51
N PRO B 77 -6.15 6.50 -8.56
CA PRO B 77 -5.87 6.11 -7.18
C PRO B 77 -6.24 4.64 -7.16
N VAL B 78 -5.88 3.98 -6.10
CA VAL B 78 -6.15 2.57 -5.99
C VAL B 78 -6.38 2.28 -4.55
N THR B 79 -7.51 1.66 -4.27
CA THR B 79 -7.81 1.31 -2.91
C THR B 79 -8.01 -0.15 -2.80
N GLY B 80 -7.90 -0.92 -3.88
CA GLY B 80 -8.09 -2.34 -3.73
C GLY B 80 -6.85 -2.98 -3.13
N GLY B 81 -6.93 -4.26 -2.81
CA GLY B 81 -5.78 -4.95 -2.35
C GLY B 81 -6.18 -6.31 -1.91
ZN ZN C . -3.10 14.10 6.71
S SO4 D . -11.91 -11.94 -4.79
O1 SO4 D . -12.99 -12.38 -5.76
O2 SO4 D . -11.41 -10.60 -5.24
O3 SO4 D . -12.45 -11.74 -3.38
O4 SO4 D . -10.77 -12.96 -4.85
P AMP E . -8.10 -8.20 -1.40
O1P AMP E . -7.70 -6.89 -1.86
O2P AMP E . -9.62 -8.25 -1.60
O3P AMP E . -7.27 -9.21 -2.20
O5' AMP E . -7.67 -8.19 0.14
C5' AMP E . -8.19 -7.26 1.05
C4' AMP E . -8.52 -8.05 2.29
O4' AMP E . -8.85 -7.03 3.17
C3' AMP E . -9.72 -8.96 2.27
O3' AMP E . -9.34 -10.27 2.41
C2' AMP E . -10.82 -8.24 3.00
O2' AMP E . -11.66 -9.19 3.65
C1' AMP E . -9.95 -7.45 3.94
N9 AMP E . -10.63 -6.34 4.61
C8 AMP E . -11.34 -5.33 4.08
N7 AMP E . -11.80 -4.57 5.09
C5 AMP E . -11.39 -5.11 6.26
C6 AMP E . -11.61 -4.76 7.58
N6 AMP E . -12.34 -3.69 7.87
N1 AMP E . -11.03 -5.52 8.56
C2 AMP E . -10.26 -6.65 8.23
N3 AMP E . -10.09 -7.00 6.91
C4 AMP E . -10.64 -6.22 5.97
#